data_4BFU
#
_entry.id   4BFU
#
_cell.length_a   88.600
_cell.length_b   150.690
_cell.length_c   63.180
_cell.angle_alpha   90.00
_cell.angle_beta   90.00
_cell.angle_gamma   90.00
#
_symmetry.space_group_name_H-M   'P 21 21 2'
#
loop_
_entity.id
_entity.type
_entity.pdbx_description
1 polymer 'PANTOTHENATE KINASE'
2 non-polymer 'PHOSPHATE ION'
3 non-polymer N-[1-(5-{[(4-fluorophenyl)methyl]sulfanyl}-4-methyl-4H-1,2,4-triazol-3-yl)ethyl]-2-(trifluoromethyl)benzamide
4 water water
#
_entity_poly.entity_id   1
_entity_poly.type   'polypeptide(L)'
_entity_poly.pdbx_seq_one_letter_code
;HHHHHHMSRLSEPSPYVEFDRRQWRALRMSTPLALTEEELVGLRGLGEQIDLLEVEEVYLPLARLIHLQVAARQRLFAAT
AEFLGEPQQNPDRPVPFIIGVAGSVAVGKSTTARVLQALLARWDHHPRVDLVTTDGFLYPNAELQRRNLMHRKGFPESYN
RRALMRFVTSVKSGSDYACAPVYSHLHYDIIPGAEQVVRHPDILILEGLNVLQTGPTLMVSDLFDFSLYVDARIEDIEQW
YVSRFLAMRTTAFADPESHFHHYAAFSDSQAVVAAREIWRTINRPNLVENILPTRPRATLVLRKDADHSINRLRLRKL
;
_entity_poly.pdbx_strand_id   A,B
#
# COMPACT_ATOMS: atom_id res chain seq x y z
N PRO A 13 -11.36 -8.15 18.02
CA PRO A 13 -10.40 -8.70 17.04
C PRO A 13 -10.05 -7.67 15.95
N SER A 14 -8.82 -7.14 16.00
CA SER A 14 -8.40 -6.00 15.16
C SER A 14 -7.04 -6.21 14.50
N PRO A 15 -6.66 -5.38 13.48
CA PRO A 15 -5.37 -5.61 12.83
C PRO A 15 -4.14 -5.04 13.56
N TYR A 16 -4.33 -4.58 14.81
CA TYR A 16 -3.26 -3.92 15.57
C TYR A 16 -2.81 -4.71 16.79
N VAL A 17 -1.50 -4.77 17.02
CA VAL A 17 -0.98 -5.06 18.36
C VAL A 17 -0.96 -3.70 19.07
N GLU A 18 -1.69 -3.61 20.19
CA GLU A 18 -1.80 -2.38 20.96
C GLU A 18 -1.05 -2.44 22.29
N PHE A 19 -0.22 -1.43 22.54
CA PHE A 19 0.46 -1.23 23.80
C PHE A 19 0.20 0.15 24.34
N ASP A 20 -0.21 0.28 25.61
CA ASP A 20 -0.07 1.60 26.22
C ASP A 20 1.39 1.83 26.68
N ARG A 21 1.66 3.05 27.11
CA ARG A 21 3.00 3.46 27.52
C ARG A 21 3.57 2.59 28.66
N ARG A 22 2.74 2.23 29.66
CA ARG A 22 3.16 1.38 30.79
C ARG A 22 3.73 0.08 30.27
N GLN A 23 2.83 -0.69 29.65
CA GLN A 23 3.16 -1.96 29.02
C GLN A 23 4.39 -1.89 28.14
N TRP A 24 4.48 -0.86 27.31
CA TRP A 24 5.60 -0.73 26.41
C TRP A 24 6.93 -0.57 27.21
N ARG A 25 6.90 0.23 28.28
CA ARG A 25 8.04 0.36 29.20
C ARG A 25 8.38 -0.96 29.88
N ALA A 26 7.34 -1.69 30.29
CA ALA A 26 7.49 -2.95 31.04
C ALA A 26 8.16 -4.10 30.26
N LEU A 27 8.41 -3.87 28.97
CA LEU A 27 9.50 -4.53 28.22
C LEU A 27 9.55 -6.02 28.36
N ARG A 28 10.76 -6.46 28.70
CA ARG A 28 11.30 -7.78 28.48
C ARG A 28 11.64 -7.84 26.99
N MET A 29 12.42 -6.84 26.60
CA MET A 29 12.70 -6.51 25.23
C MET A 29 14.12 -6.92 24.88
N SER A 30 14.32 -8.23 24.82
CA SER A 30 15.62 -8.89 24.51
C SER A 30 16.88 -8.11 24.95
N THR A 31 17.72 -7.73 23.99
CA THR A 31 18.91 -6.93 24.32
C THR A 31 18.49 -5.48 24.51
N PRO A 32 19.05 -4.81 25.55
CA PRO A 32 18.77 -3.40 25.70
C PRO A 32 19.54 -2.57 24.65
N LEU A 33 20.87 -2.58 24.75
CA LEU A 33 21.76 -1.66 24.02
C LEU A 33 21.39 -0.18 24.21
N ALA A 34 22.27 0.55 24.90
CA ALA A 34 21.96 1.92 25.27
C ALA A 34 22.53 2.96 24.30
N LEU A 35 22.02 4.17 24.46
CA LEU A 35 22.55 5.34 23.79
C LEU A 35 23.87 5.80 24.43
N THR A 36 24.81 6.21 23.58
CA THR A 36 26.09 6.68 24.04
C THR A 36 26.06 8.14 24.49
N GLU A 37 27.26 8.67 24.74
CA GLU A 37 27.46 9.93 25.46
C GLU A 37 26.77 11.22 24.97
N GLU A 38 27.02 11.79 23.77
CA GLU A 38 27.72 11.31 22.54
C GLU A 38 26.66 11.13 21.45
N GLU A 39 25.83 10.12 21.62
CA GLU A 39 24.60 10.02 20.85
C GLU A 39 23.51 10.80 21.57
N LEU A 40 23.59 10.88 22.90
CA LEU A 40 22.65 11.68 23.67
C LEU A 40 22.89 13.17 23.47
N VAL A 41 24.17 13.55 23.38
CA VAL A 41 24.59 14.88 22.96
C VAL A 41 23.86 15.29 21.67
N GLY A 42 24.23 14.67 20.55
CA GLY A 42 23.64 14.97 19.24
C GLY A 42 22.12 14.99 19.17
N LEU A 43 21.44 14.36 20.14
CA LEU A 43 19.98 14.29 20.17
C LEU A 43 19.34 15.46 20.92
N ARG A 44 20.09 16.07 21.82
CA ARG A 44 19.70 17.39 22.29
C ARG A 44 20.21 18.38 21.24
N GLY A 45 21.22 17.97 20.46
CA GLY A 45 21.69 18.72 19.28
C GLY A 45 20.60 19.17 18.31
N LEU A 46 19.37 18.74 18.58
CA LEU A 46 18.14 19.18 17.88
C LEU A 46 17.01 19.33 18.91
N GLY A 47 17.40 19.52 20.17
CA GLY A 47 16.56 19.31 21.34
C GLY A 47 15.75 20.50 21.82
N GLU A 48 14.69 20.77 21.05
CA GLU A 48 13.63 21.71 21.42
C GLU A 48 12.92 21.14 22.67
N GLN A 49 13.68 21.08 23.79
CA GLN A 49 13.28 20.32 24.98
C GLN A 49 12.72 18.95 24.56
N ILE A 50 13.52 18.23 23.77
CA ILE A 50 13.20 16.88 23.34
C ILE A 50 13.51 15.98 24.51
N ASP A 51 12.49 15.30 25.02
CA ASP A 51 12.64 14.43 26.18
C ASP A 51 13.48 13.18 25.87
N LEU A 52 14.68 13.13 26.44
CA LEU A 52 15.60 12.02 26.25
C LEU A 52 15.19 10.72 26.96
N LEU A 53 14.39 10.76 28.02
CA LEU A 53 13.90 9.50 28.60
C LEU A 53 12.84 8.91 27.65
N GLU A 54 12.17 9.77 26.90
CA GLU A 54 11.30 9.27 25.85
C GLU A 54 12.09 8.75 24.65
N VAL A 55 13.14 9.45 24.22
CA VAL A 55 13.96 8.92 23.15
C VAL A 55 14.45 7.53 23.54
N GLU A 56 14.88 7.35 24.79
CA GLU A 56 15.49 6.07 25.14
C GLU A 56 14.48 4.97 25.41
N GLU A 57 13.30 5.31 25.91
CA GLU A 57 12.35 4.29 26.34
C GLU A 57 11.24 3.96 25.32
N VAL A 58 11.05 4.85 24.35
CA VAL A 58 10.01 4.67 23.34
C VAL A 58 10.58 4.63 21.94
N TYR A 59 11.29 5.70 21.56
CA TYR A 59 11.79 5.86 20.21
C TYR A 59 12.88 4.88 19.80
N LEU A 60 13.77 4.54 20.74
CA LEU A 60 14.85 3.60 20.44
C LEU A 60 14.33 2.17 20.18
N PRO A 61 13.46 1.64 21.04
CA PRO A 61 12.89 0.32 20.67
C PRO A 61 12.07 0.37 19.36
N LEU A 62 11.37 1.46 19.15
CA LEU A 62 10.56 1.64 17.99
C LEU A 62 11.46 1.65 16.78
N ALA A 63 12.61 2.32 16.91
CA ALA A 63 13.60 2.29 15.86
C ALA A 63 14.19 0.89 15.62
N ARG A 64 14.25 0.05 16.65
CA ARG A 64 14.79 -1.30 16.44
C ARG A 64 13.81 -2.13 15.64
N LEU A 65 12.55 -2.02 16.01
CA LEU A 65 11.48 -2.67 15.32
C LEU A 65 11.58 -2.37 13.82
N ILE A 66 11.78 -1.11 13.48
CA ILE A 66 11.82 -0.68 12.11
C ILE A 66 13.06 -1.20 11.45
N HIS A 67 14.15 -1.24 12.22
CA HIS A 67 15.38 -1.80 11.74
C HIS A 67 15.17 -3.24 11.30
N LEU A 68 14.38 -4.00 12.07
CA LEU A 68 14.09 -5.38 11.68
C LEU A 68 13.41 -5.43 10.31
N GLN A 69 12.54 -4.47 10.03
CA GLN A 69 11.92 -4.39 8.70
C GLN A 69 12.89 -3.99 7.60
N VAL A 70 13.77 -3.03 7.88
CA VAL A 70 14.76 -2.65 6.88
C VAL A 70 15.71 -3.82 6.59
N ALA A 71 16.10 -4.55 7.63
CA ALA A 71 17.10 -5.61 7.47
C ALA A 71 16.50 -6.77 6.65
N ALA A 72 15.31 -7.21 7.06
CA ALA A 72 14.53 -8.19 6.29
C ALA A 72 14.37 -7.82 4.79
N ARG A 73 14.14 -6.54 4.49
CA ARG A 73 14.02 -6.12 3.10
C ARG A 73 15.34 -6.22 2.35
N GLN A 74 16.43 -5.91 3.03
CA GLN A 74 17.75 -6.04 2.43
C GLN A 74 18.09 -7.49 2.13
N ARG A 75 17.66 -8.39 3.01
CA ARG A 75 17.92 -9.81 2.81
C ARG A 75 16.99 -10.40 1.74
N LEU A 76 15.76 -9.89 1.65
CA LEU A 76 14.89 -10.24 0.55
C LEU A 76 15.51 -9.80 -0.77
N PHE A 77 16.02 -8.56 -0.84
CA PHE A 77 16.65 -8.14 -2.07
C PHE A 77 17.67 -9.17 -2.51
N ALA A 78 18.47 -9.63 -1.56
CA ALA A 78 19.58 -10.56 -1.89
C ALA A 78 19.08 -11.98 -2.22
N ALA A 79 18.12 -12.51 -1.47
CA ALA A 79 17.64 -13.84 -1.80
C ALA A 79 17.02 -13.85 -3.22
N THR A 80 16.35 -12.74 -3.56
CA THR A 80 15.67 -12.57 -4.84
C THR A 80 16.67 -12.43 -5.98
N ALA A 81 17.68 -11.58 -5.78
CA ALA A 81 18.76 -11.37 -6.76
C ALA A 81 19.52 -12.68 -7.05
N GLU A 82 19.81 -13.43 -5.99
CA GLU A 82 20.49 -14.71 -6.14
C GLU A 82 19.65 -15.70 -6.96
N PHE A 83 18.40 -15.91 -6.54
CA PHE A 83 17.45 -16.74 -7.27
C PHE A 83 17.36 -16.45 -8.77
N LEU A 84 17.27 -15.17 -9.12
CA LEU A 84 17.22 -14.78 -10.52
C LEU A 84 18.59 -14.87 -11.20
N GLY A 85 19.62 -15.25 -10.44
CA GLY A 85 20.99 -15.39 -10.99
C GLY A 85 21.59 -14.05 -11.35
N GLU A 86 21.19 -13.03 -10.59
CA GLU A 86 21.52 -11.59 -10.84
C GLU A 86 21.67 -11.15 -12.29
N PRO A 87 20.54 -11.04 -13.02
CA PRO A 87 20.47 -10.49 -14.36
C PRO A 87 20.95 -9.04 -14.44
N GLN A 88 21.41 -8.63 -15.63
CA GLN A 88 21.94 -7.30 -15.86
C GLN A 88 20.95 -6.14 -15.64
N GLN A 89 19.66 -6.45 -15.49
CA GLN A 89 18.68 -5.38 -15.34
C GLN A 89 18.12 -5.20 -13.90
N ASN A 90 18.34 -6.19 -13.04
CA ASN A 90 18.18 -6.05 -11.60
C ASN A 90 19.25 -5.07 -11.05
N PRO A 91 18.87 -4.12 -10.18
CA PRO A 91 19.88 -3.25 -9.53
C PRO A 91 20.91 -4.04 -8.70
N ASP A 92 22.08 -3.46 -8.45
CA ASP A 92 23.08 -4.13 -7.58
C ASP A 92 22.80 -3.97 -6.08
N ARG A 93 22.07 -2.91 -5.73
CA ARG A 93 21.74 -2.57 -4.35
C ARG A 93 20.22 -2.62 -4.17
N PRO A 94 19.77 -2.92 -2.94
CA PRO A 94 18.39 -2.59 -2.61
C PRO A 94 18.13 -1.11 -2.89
N VAL A 95 16.93 -0.78 -3.34
CA VAL A 95 16.58 0.61 -3.47
C VAL A 95 16.27 1.15 -2.06
N PRO A 96 16.26 2.48 -1.89
CA PRO A 96 16.02 3.05 -0.57
C PRO A 96 14.74 2.51 0.09
N PHE A 97 14.83 2.10 1.35
CA PHE A 97 13.63 1.84 2.16
C PHE A 97 12.97 3.16 2.59
N ILE A 98 11.71 3.37 2.20
CA ILE A 98 11.04 4.65 2.43
C ILE A 98 10.02 4.57 3.54
N ILE A 99 10.09 5.52 4.49
CA ILE A 99 9.16 5.58 5.61
C ILE A 99 8.40 6.89 5.52
N GLY A 100 7.09 6.80 5.55
CA GLY A 100 6.22 7.98 5.53
C GLY A 100 5.90 8.35 6.98
N VAL A 101 5.75 9.65 7.24
CA VAL A 101 5.31 10.16 8.55
C VAL A 101 4.22 11.21 8.34
N ALA A 102 3.03 10.92 8.82
CA ALA A 102 1.85 11.73 8.65
C ALA A 102 1.31 12.14 10.02
N GLY A 103 0.40 13.13 10.00
CA GLY A 103 -0.28 13.65 11.19
C GLY A 103 -0.68 15.07 10.99
N SER A 104 -1.42 15.64 11.93
CA SER A 104 -1.77 17.09 11.87
C SER A 104 -0.58 18.03 11.77
N VAL A 105 -0.83 19.27 11.40
CA VAL A 105 0.16 20.34 11.63
C VAL A 105 0.28 20.44 13.15
N ALA A 106 1.50 20.58 13.68
CA ALA A 106 1.75 20.81 15.15
C ALA A 106 1.60 19.57 16.02
N VAL A 107 1.70 18.39 15.43
CA VAL A 107 1.53 17.19 16.23
C VAL A 107 2.90 16.67 16.62
N GLY A 108 3.95 17.21 16.03
CA GLY A 108 5.30 16.69 16.35
C GLY A 108 5.88 15.70 15.35
N LYS A 109 5.33 15.68 14.14
CA LYS A 109 5.85 14.85 13.05
C LYS A 109 7.33 15.06 12.91
N SER A 110 7.69 16.32 12.76
CA SER A 110 9.03 16.73 12.39
C SER A 110 10.07 16.24 13.38
N THR A 111 9.70 16.31 14.66
CA THR A 111 10.52 15.86 15.78
C THR A 111 10.63 14.34 15.74
N THR A 112 9.49 13.66 15.67
CA THR A 112 9.44 12.22 15.47
C THR A 112 10.33 11.82 14.28
N ALA A 113 10.20 12.52 13.16
CA ALA A 113 10.97 12.13 12.01
C ALA A 113 12.45 12.35 12.29
N ARG A 114 12.79 13.49 12.86
CA ARG A 114 14.20 13.79 13.17
C ARG A 114 14.81 12.82 14.21
N VAL A 115 14.04 12.47 15.23
CA VAL A 115 14.55 11.49 16.15
C VAL A 115 14.80 10.13 15.47
N LEU A 116 13.84 9.63 14.70
CA LEU A 116 14.01 8.36 13.98
C LEU A 116 15.19 8.42 13.01
N GLN A 117 15.33 9.51 12.31
CA GLN A 117 16.48 9.65 11.40
C GLN A 117 17.77 9.41 12.15
N ALA A 118 17.91 10.02 13.32
CA ALA A 118 19.15 9.96 14.09
C ALA A 118 19.37 8.58 14.65
N LEU A 119 18.30 7.98 15.16
CA LEU A 119 18.39 6.64 15.69
C LEU A 119 18.63 5.54 14.62
N LEU A 120 18.08 5.68 13.41
CA LEU A 120 18.14 4.53 12.49
C LEU A 120 19.49 4.51 11.88
N ALA A 121 20.11 5.68 11.89
CA ALA A 121 21.39 5.88 11.24
C ALA A 121 22.53 5.15 12.00
N ARG A 122 22.27 4.74 13.23
CA ARG A 122 23.30 4.11 14.04
C ARG A 122 23.56 2.62 13.76
N TRP A 123 22.74 2.00 12.89
CA TRP A 123 22.98 0.64 12.44
C TRP A 123 23.90 0.59 11.21
N ASP A 124 24.81 -0.38 11.19
CA ASP A 124 25.70 -0.58 10.04
C ASP A 124 24.95 -1.00 8.77
N HIS A 125 23.76 -1.58 8.94
CA HIS A 125 22.94 -1.99 7.82
C HIS A 125 22.50 -0.79 6.97
N HIS A 126 22.28 0.36 7.61
CA HIS A 126 21.69 1.52 6.94
C HIS A 126 22.13 2.85 7.59
N PRO A 127 23.45 3.19 7.51
CA PRO A 127 23.82 4.42 8.20
C PRO A 127 23.38 5.67 7.44
N ARG A 128 22.96 5.53 6.19
CA ARG A 128 22.61 6.72 5.42
C ARG A 128 21.10 6.93 5.36
N VAL A 129 20.63 7.87 6.17
CA VAL A 129 19.21 8.05 6.38
C VAL A 129 18.92 9.51 6.04
N ASP A 130 18.00 9.72 5.10
CA ASP A 130 17.63 11.07 4.71
C ASP A 130 16.25 11.42 5.21
N LEU A 131 15.97 12.71 5.31
CA LEU A 131 14.66 13.17 5.72
C LEU A 131 14.24 14.28 4.80
N VAL A 132 13.07 14.09 4.16
CA VAL A 132 12.54 15.11 3.25
C VAL A 132 11.14 15.43 3.71
N THR A 133 10.80 16.72 3.78
CA THR A 133 9.44 17.10 4.10
C THR A 133 8.70 17.41 2.81
N THR A 134 7.45 16.99 2.71
CA THR A 134 6.63 17.37 1.57
C THR A 134 6.19 18.85 1.57
N ASP A 135 6.30 19.55 2.71
CA ASP A 135 6.14 21.01 2.70
C ASP A 135 6.80 21.66 1.47
N GLY A 136 7.93 21.12 1.04
CA GLY A 136 8.65 21.67 -0.13
C GLY A 136 7.99 21.40 -1.47
N PHE A 137 6.87 20.69 -1.47
CA PHE A 137 6.16 20.42 -2.71
C PHE A 137 4.88 21.25 -2.81
N LEU A 138 4.52 21.95 -1.74
CA LEU A 138 3.50 23.00 -1.84
C LEU A 138 3.85 23.94 -3.00
N TYR A 139 2.83 24.41 -3.72
CA TYR A 139 3.05 25.44 -4.74
C TYR A 139 3.51 26.74 -4.04
N PRO A 140 4.46 27.47 -4.64
CA PRO A 140 4.87 28.77 -4.06
C PRO A 140 3.66 29.69 -3.83
N ASN A 141 3.71 30.56 -2.82
CA ASN A 141 2.60 31.50 -2.50
C ASN A 141 1.99 32.25 -3.70
N ALA A 142 2.84 32.81 -4.57
CA ALA A 142 2.34 33.56 -5.76
C ALA A 142 1.58 32.63 -6.70
N GLU A 143 2.17 31.47 -6.95
CA GLU A 143 1.55 30.41 -7.72
C GLU A 143 0.20 29.98 -7.12
N LEU A 144 0.15 29.93 -5.80
CA LEU A 144 -1.07 29.59 -5.07
C LEU A 144 -2.17 30.69 -5.20
N GLN A 145 -1.76 31.97 -5.17
CA GLN A 145 -2.68 33.11 -5.34
C GLN A 145 -3.34 32.98 -6.70
N ARG A 146 -2.50 32.73 -7.69
CA ARG A 146 -2.89 32.60 -9.08
C ARG A 146 -3.93 31.52 -9.31
N ARG A 147 -4.03 30.55 -8.39
CA ARG A 147 -5.00 29.45 -8.50
C ARG A 147 -6.18 29.60 -7.58
N ASN A 148 -6.20 30.70 -6.84
CA ASN A 148 -7.24 30.97 -5.84
C ASN A 148 -7.28 29.91 -4.74
N LEU A 149 -6.08 29.48 -4.34
CA LEU A 149 -5.97 28.44 -3.32
C LEU A 149 -5.33 28.86 -2.00
N MET A 150 -4.84 30.10 -1.89
CA MET A 150 -4.19 30.54 -0.66
C MET A 150 -4.91 30.07 0.61
N HIS A 151 -6.22 30.18 0.63
CA HIS A 151 -7.02 29.78 1.79
C HIS A 151 -7.03 28.24 1.95
N ARG A 152 -6.43 27.58 0.99
CA ARG A 152 -6.38 26.14 0.98
C ARG A 152 -4.97 25.58 1.14
N LYS A 153 -4.02 26.45 1.45
CA LYS A 153 -2.64 26.02 1.68
C LYS A 153 -2.59 24.88 2.69
N GLY A 154 -2.01 23.77 2.23
CA GLY A 154 -1.84 22.57 3.00
C GLY A 154 -2.96 21.56 2.79
N PHE A 155 -3.99 21.94 2.03
CA PHE A 155 -4.99 20.97 1.52
C PHE A 155 -4.33 20.20 0.34
N PRO A 156 -4.87 19.03 -0.06
CA PRO A 156 -4.17 18.21 -1.07
C PRO A 156 -3.80 18.94 -2.37
N GLU A 157 -4.71 19.74 -2.90
CA GLU A 157 -4.47 20.42 -4.16
C GLU A 157 -3.46 21.55 -4.03
N SER A 158 -3.02 21.87 -2.80
CA SER A 158 -2.00 22.95 -2.66
C SER A 158 -0.60 22.47 -2.97
N TYR A 159 -0.47 21.16 -3.15
CA TYR A 159 0.83 20.59 -3.45
C TYR A 159 0.94 20.30 -4.95
N ASN A 160 2.12 20.50 -5.51
CA ASN A 160 2.44 19.92 -6.81
C ASN A 160 2.57 18.41 -6.68
N ARG A 161 1.42 17.72 -6.77
CA ARG A 161 1.36 16.27 -6.57
C ARG A 161 2.14 15.51 -7.63
N ARG A 162 2.12 16.01 -8.85
CA ARG A 162 2.91 15.42 -9.91
C ARG A 162 4.43 15.49 -9.63
N ALA A 163 4.92 16.66 -9.19
CA ALA A 163 6.35 16.72 -8.81
C ALA A 163 6.64 15.85 -7.58
N LEU A 164 5.77 15.88 -6.58
CA LEU A 164 5.94 15.03 -5.41
C LEU A 164 6.10 13.58 -5.85
N MET A 165 5.21 13.12 -6.72
CA MET A 165 5.20 11.72 -7.13
C MET A 165 6.44 11.40 -7.98
N ARG A 166 6.84 12.32 -8.85
CA ARG A 166 8.04 12.08 -9.66
C ARG A 166 9.30 11.93 -8.78
N PHE A 167 9.36 12.71 -7.69
CA PHE A 167 10.46 12.65 -6.75
C PHE A 167 10.55 11.30 -6.07
N VAL A 168 9.46 10.87 -5.45
CA VAL A 168 9.48 9.60 -4.71
C VAL A 168 9.74 8.42 -5.65
N THR A 169 9.10 8.44 -6.82
CA THR A 169 9.36 7.45 -7.90
C THR A 169 10.84 7.39 -8.27
N SER A 170 11.46 8.55 -8.39
CA SER A 170 12.86 8.63 -8.67
C SER A 170 13.71 7.95 -7.57
N VAL A 171 13.43 8.29 -6.32
CA VAL A 171 14.10 7.66 -5.18
C VAL A 171 13.87 6.16 -5.18
N LYS A 172 12.60 5.71 -5.31
CA LYS A 172 12.27 4.27 -5.34
C LYS A 172 12.80 3.51 -6.56
N SER A 173 13.16 4.21 -7.63
CA SER A 173 13.79 3.60 -8.80
C SER A 173 15.29 3.34 -8.67
N GLY A 174 15.88 3.58 -7.50
CA GLY A 174 17.35 3.46 -7.32
C GLY A 174 18.17 4.51 -8.08
N SER A 175 17.55 5.63 -8.37
CA SER A 175 18.22 6.78 -8.92
C SER A 175 19.34 7.21 -7.97
N ASP A 176 20.38 7.84 -8.51
CA ASP A 176 21.48 8.28 -7.68
C ASP A 176 21.36 9.74 -7.34
N TYR A 177 20.33 10.36 -7.87
CA TYR A 177 20.15 11.79 -7.77
C TYR A 177 18.67 12.09 -7.89
N ALA A 178 18.17 12.80 -6.90
CA ALA A 178 16.78 13.22 -6.81
C ALA A 178 16.73 14.46 -5.94
N CYS A 179 16.05 15.46 -6.44
CA CYS A 179 16.06 16.76 -5.83
C CYS A 179 14.63 17.20 -5.45
N ALA A 180 14.43 17.68 -4.23
CA ALA A 180 13.17 18.31 -3.83
C ALA A 180 13.37 19.80 -3.54
N PRO A 181 12.31 20.62 -3.76
CA PRO A 181 12.37 22.03 -3.30
C PRO A 181 12.21 22.16 -1.77
N VAL A 182 12.26 23.41 -1.29
CA VAL A 182 12.38 23.69 0.13
C VAL A 182 11.41 24.77 0.53
N TYR A 183 10.80 24.58 1.70
CA TYR A 183 9.78 25.48 2.25
C TYR A 183 10.26 26.13 3.54
N SER A 184 10.20 27.46 3.60
CA SER A 184 10.63 28.17 4.80
C SER A 184 9.55 28.24 5.89
N HIS A 185 9.85 27.72 7.07
CA HIS A 185 8.95 28.01 8.19
C HIS A 185 9.16 29.42 8.79
N LEU A 186 9.98 30.26 8.13
CA LEU A 186 10.17 31.66 8.53
C LEU A 186 9.34 32.58 7.65
N HIS A 187 9.56 32.47 6.33
CA HIS A 187 8.83 33.25 5.33
C HIS A 187 7.49 32.65 4.95
N TYR A 188 7.21 31.44 5.45
CA TYR A 188 6.06 30.65 5.07
C TYR A 188 5.83 30.56 3.56
N ASP A 189 6.87 30.19 2.84
CA ASP A 189 6.80 30.09 1.39
C ASP A 189 7.99 29.29 0.85
N ILE A 190 7.97 28.96 -0.44
CA ILE A 190 9.07 28.25 -1.10
C ILE A 190 10.25 29.20 -1.34
N ILE A 191 11.45 28.76 -0.98
CA ILE A 191 12.66 29.54 -1.20
C ILE A 191 13.16 29.29 -2.60
N PRO A 192 13.08 30.30 -3.48
CA PRO A 192 13.45 30.13 -4.91
C PRO A 192 14.86 29.58 -5.13
N GLY A 193 14.96 28.47 -5.87
CA GLY A 193 16.26 27.89 -6.23
C GLY A 193 16.89 26.97 -5.21
N ALA A 194 16.47 27.07 -3.95
CA ALA A 194 16.96 26.17 -2.90
C ALA A 194 16.46 24.77 -3.23
N GLU A 195 17.24 23.77 -2.84
CA GLU A 195 17.00 22.41 -3.25
C GLU A 195 17.60 21.49 -2.21
N GLN A 196 16.91 20.42 -1.90
CA GLN A 196 17.53 19.34 -1.15
C GLN A 196 17.76 18.14 -2.07
N VAL A 197 19.02 17.71 -2.18
CA VAL A 197 19.38 16.58 -3.00
C VAL A 197 19.45 15.33 -2.13
N VAL A 198 18.87 14.23 -2.64
CA VAL A 198 18.89 12.91 -2.02
C VAL A 198 19.66 11.98 -2.99
N ARG A 199 20.57 11.15 -2.47
CA ARG A 199 21.52 10.37 -3.29
C ARG A 199 21.51 8.89 -2.94
N HIS A 200 20.46 8.18 -3.33
CA HIS A 200 20.29 6.78 -3.00
C HIS A 200 20.68 6.47 -1.56
N PRO A 201 19.99 7.10 -0.60
CA PRO A 201 20.24 6.78 0.80
C PRO A 201 19.76 5.36 1.04
N ASP A 202 20.12 4.76 2.15
CA ASP A 202 19.55 3.47 2.51
C ASP A 202 18.11 3.60 3.02
N ILE A 203 17.79 4.75 3.61
CA ILE A 203 16.44 4.99 4.11
C ILE A 203 16.07 6.41 3.79
N LEU A 204 14.87 6.60 3.25
CA LEU A 204 14.33 7.93 3.19
C LEU A 204 13.14 7.99 4.13
N ILE A 205 13.13 8.99 4.99
CA ILE A 205 11.93 9.30 5.73
C ILE A 205 11.29 10.49 5.04
N LEU A 206 10.04 10.27 4.62
CA LEU A 206 9.27 11.32 3.98
C LEU A 206 8.19 11.78 4.94
N GLU A 207 8.30 13.02 5.38
CA GLU A 207 7.38 13.59 6.40
C GLU A 207 6.50 14.66 5.76
N GLY A 208 5.20 14.65 6.03
CA GLY A 208 4.30 15.69 5.52
C GLY A 208 2.87 15.37 5.89
N LEU A 209 1.98 16.35 5.79
CA LEU A 209 0.53 16.20 6.11
C LEU A 209 -0.17 15.19 5.20
N ASN A 210 0.29 15.14 3.95
CA ASN A 210 -0.35 14.45 2.84
C ASN A 210 0.28 13.11 2.42
N VAL A 211 1.30 12.63 3.13
CA VAL A 211 2.03 11.44 2.61
C VAL A 211 1.23 10.13 2.54
N LEU A 212 0.17 10.00 3.35
CA LEU A 212 -0.70 8.82 3.37
C LEU A 212 -2.03 9.04 2.63
N GLN A 213 -2.10 10.15 1.91
CA GLN A 213 -3.28 10.40 1.10
C GLN A 213 -3.35 9.58 -0.19
N THR A 214 -4.59 9.30 -0.56
CA THR A 214 -4.89 8.48 -1.71
C THR A 214 -5.18 9.32 -2.93
N GLY A 215 -4.86 8.76 -4.09
CA GLY A 215 -5.37 9.26 -5.37
C GLY A 215 -5.83 8.10 -6.24
N PRO A 216 -6.27 8.40 -7.47
CA PRO A 216 -6.95 7.39 -8.31
C PRO A 216 -6.01 6.32 -8.87
N THR A 217 -4.74 6.68 -9.00
CA THR A 217 -3.75 5.84 -9.66
C THR A 217 -2.62 5.50 -8.65
N LEU A 218 -1.41 5.24 -9.13
CA LEU A 218 -0.22 5.10 -8.28
C LEU A 218 -0.04 6.37 -7.44
N MET A 219 -0.01 6.21 -6.11
CA MET A 219 0.11 7.33 -5.15
C MET A 219 1.43 7.17 -4.39
N VAL A 220 1.95 8.21 -3.74
CA VAL A 220 3.28 8.09 -3.14
C VAL A 220 3.32 7.02 -2.07
N SER A 221 2.26 6.84 -1.30
CA SER A 221 2.29 5.81 -0.30
C SER A 221 2.40 4.35 -0.84
N ASP A 222 2.19 4.15 -2.14
CA ASP A 222 2.40 2.83 -2.78
C ASP A 222 3.87 2.49 -2.79
N LEU A 223 4.69 3.54 -2.63
CA LEU A 223 6.13 3.39 -2.65
C LEU A 223 6.77 3.35 -1.24
N PHE A 224 5.94 3.31 -0.20
CA PHE A 224 6.41 3.21 1.17
C PHE A 224 6.58 1.77 1.58
N ASP A 225 7.60 1.52 2.40
CA ASP A 225 7.82 0.24 3.00
C ASP A 225 7.36 0.22 4.44
N PHE A 226 7.13 1.38 5.02
CA PHE A 226 6.67 1.49 6.42
C PHE A 226 6.07 2.88 6.56
N SER A 227 5.08 3.04 7.42
CA SER A 227 4.61 4.40 7.66
C SER A 227 4.14 4.63 9.08
N LEU A 228 4.30 5.86 9.54
CA LEU A 228 3.76 6.25 10.83
C LEU A 228 2.71 7.35 10.74
N TYR A 229 1.79 7.29 11.67
CA TYR A 229 0.87 8.36 11.83
C TYR A 229 0.98 8.81 13.30
N VAL A 230 1.31 10.08 13.47
CA VAL A 230 1.37 10.73 14.80
C VAL A 230 0.00 11.33 15.14
N ASP A 231 -0.57 10.83 16.23
CA ASP A 231 -1.94 11.09 16.58
C ASP A 231 -2.03 11.73 17.96
N ALA A 232 -3.13 12.44 18.21
CA ALA A 232 -3.48 12.96 19.55
C ALA A 232 -4.94 13.43 19.48
N ARG A 233 -5.51 13.76 20.64
CA ARG A 233 -6.84 14.33 20.67
C ARG A 233 -6.83 15.69 19.98
N ILE A 234 -7.86 15.96 19.20
CA ILE A 234 -7.86 17.15 18.40
C ILE A 234 -7.85 18.45 19.28
N GLU A 235 -8.40 18.40 20.49
CA GLU A 235 -8.28 19.55 21.43
C GLU A 235 -6.83 19.78 21.87
N ASP A 236 -6.06 18.71 22.05
CA ASP A 236 -4.65 18.84 22.43
C ASP A 236 -3.82 19.43 21.32
N ILE A 237 -4.04 19.02 20.06
CA ILE A 237 -3.27 19.57 18.93
C ILE A 237 -3.56 21.07 18.77
N GLU A 238 -4.83 21.43 18.87
CA GLU A 238 -5.20 22.86 18.92
C GLU A 238 -4.32 23.63 19.93
N GLN A 239 -4.25 23.15 21.18
CA GLN A 239 -3.41 23.81 22.20
C GLN A 239 -1.94 23.92 21.78
N TRP A 240 -1.35 22.83 21.28
CA TRP A 240 0.02 22.88 20.81
C TRP A 240 0.14 23.81 19.64
N TYR A 241 -0.88 23.84 18.79
CA TYR A 241 -0.84 24.72 17.63
C TYR A 241 -0.82 26.20 18.08
N VAL A 242 -1.74 26.55 18.98
CA VAL A 242 -1.77 27.90 19.62
C VAL A 242 -0.40 28.28 20.25
N SER A 243 0.10 27.47 21.17
CA SER A 243 1.41 27.75 21.82
C SER A 243 2.50 28.01 20.78
N ARG A 244 2.51 27.20 19.75
CA ARG A 244 3.52 27.36 18.73
C ARG A 244 3.34 28.73 18.07
N PHE A 245 2.10 29.17 17.89
CA PHE A 245 1.84 30.45 17.25
C PHE A 245 2.34 31.58 18.18
N LEU A 246 1.98 31.49 19.45
CA LEU A 246 2.42 32.50 20.43
C LEU A 246 3.96 32.64 20.41
N ALA A 247 4.64 31.50 20.52
CA ALA A 247 6.12 31.44 20.57
C ALA A 247 6.73 31.98 19.33
N MET A 248 5.93 32.08 18.28
CA MET A 248 6.43 32.61 17.01
C MET A 248 6.54 34.13 17.04
N ARG A 249 5.81 34.75 17.98
CA ARG A 249 5.90 36.21 18.20
C ARG A 249 7.37 36.63 18.40
N THR A 250 8.08 35.84 19.20
CA THR A 250 9.48 36.04 19.54
C THR A 250 10.41 35.76 18.37
N THR A 251 10.01 34.85 17.48
CA THR A 251 10.93 34.34 16.47
C THR A 251 10.61 34.84 15.08
N ALA A 252 9.87 34.04 14.32
CA ALA A 252 9.60 34.34 12.92
C ALA A 252 8.79 35.63 12.75
N PHE A 253 7.79 35.81 13.61
CA PHE A 253 6.99 37.01 13.54
C PHE A 253 7.80 38.31 13.82
N ALA A 254 8.93 38.18 14.53
CA ALA A 254 9.78 39.32 14.92
C ALA A 254 10.42 40.07 13.75
N ASP A 255 10.66 39.37 12.64
CA ASP A 255 11.17 40.04 11.45
C ASP A 255 10.11 40.97 10.85
N PRO A 256 10.51 42.21 10.51
CA PRO A 256 9.65 43.11 9.71
C PRO A 256 9.42 42.64 8.28
N GLU A 257 10.28 41.75 7.78
CA GLU A 257 10.12 41.12 6.45
C GLU A 257 8.84 40.31 6.35
N SER A 258 8.50 39.63 7.46
CA SER A 258 7.34 38.75 7.59
C SER A 258 5.99 39.37 7.22
N HIS A 259 5.10 38.55 6.67
CA HIS A 259 3.75 38.97 6.39
C HIS A 259 2.93 38.90 7.67
N PHE A 260 3.55 38.35 8.71
CA PHE A 260 2.91 38.13 10.00
C PHE A 260 3.47 39.08 11.09
N HIS A 261 4.23 40.08 10.65
CA HIS A 261 4.94 40.95 11.58
C HIS A 261 4.03 41.58 12.64
N HIS A 262 2.95 42.20 12.18
CA HIS A 262 1.95 42.80 13.06
C HIS A 262 1.49 41.87 14.17
N TYR A 263 1.92 40.62 14.10
CA TYR A 263 1.57 39.64 15.11
C TYR A 263 2.52 39.65 16.31
N ALA A 264 3.79 40.02 16.09
CA ALA A 264 4.77 40.21 17.19
C ALA A 264 4.16 40.96 18.39
N ALA A 265 3.45 42.05 18.09
CA ALA A 265 2.92 42.96 19.10
C ALA A 265 1.76 42.42 19.94
N PHE A 266 1.07 41.38 19.47
CA PHE A 266 -0.18 40.94 20.06
C PHE A 266 0.03 40.36 21.46
N SER A 267 -0.88 40.67 22.37
CA SER A 267 -0.82 40.05 23.69
C SER A 267 -1.25 38.58 23.62
N ASP A 268 -0.86 37.80 24.62
CA ASP A 268 -1.25 36.41 24.75
C ASP A 268 -2.75 36.15 24.43
N SER A 269 -3.60 37.14 24.66
CA SER A 269 -5.04 36.99 24.51
C SER A 269 -5.47 37.15 23.08
N GLN A 270 -4.77 38.05 22.39
CA GLN A 270 -5.09 38.45 21.03
C GLN A 270 -4.41 37.56 19.99
N ALA A 271 -3.26 37.01 20.37
CA ALA A 271 -2.52 36.09 19.54
C ALA A 271 -3.26 34.77 19.52
N VAL A 272 -3.86 34.42 20.67
CA VAL A 272 -4.68 33.26 20.80
C VAL A 272 -5.83 33.37 19.78
N VAL A 273 -6.65 34.41 19.92
CA VAL A 273 -7.76 34.65 18.98
C VAL A 273 -7.34 34.52 17.51
N ALA A 274 -6.25 35.18 17.12
CA ALA A 274 -5.74 35.07 15.75
C ALA A 274 -5.36 33.62 15.36
N ALA A 275 -4.87 32.85 16.35
CA ALA A 275 -4.45 31.45 16.13
C ALA A 275 -5.63 30.49 16.07
N ARG A 276 -6.53 30.61 17.03
CA ARG A 276 -7.71 29.79 17.05
C ARG A 276 -8.56 29.96 15.77
N GLU A 277 -8.35 31.06 15.06
CA GLU A 277 -9.05 31.33 13.80
C GLU A 277 -8.43 30.66 12.60
N ILE A 278 -7.10 30.62 12.53
CA ILE A 278 -6.44 29.89 11.45
C ILE A 278 -6.65 28.39 11.70
N TRP A 279 -6.73 27.99 12.95
CA TRP A 279 -6.94 26.59 13.26
C TRP A 279 -8.32 26.22 12.72
N ARG A 280 -9.33 27.00 13.11
CA ARG A 280 -10.72 26.68 12.83
C ARG A 280 -11.08 26.70 11.38
N THR A 281 -10.43 27.54 10.61
CA THR A 281 -10.78 27.78 9.21
C THR A 281 -9.92 26.99 8.24
N ILE A 282 -8.69 26.67 8.63
CA ILE A 282 -7.79 25.96 7.76
C ILE A 282 -7.34 24.65 8.37
N ASN A 283 -6.63 24.69 9.51
CA ASN A 283 -5.94 23.47 9.90
C ASN A 283 -6.77 22.40 10.52
N ARG A 284 -7.78 22.78 11.26
CA ARG A 284 -8.67 21.80 11.84
C ARG A 284 -9.49 21.14 10.72
N PRO A 285 -10.10 21.93 9.80
CA PRO A 285 -10.87 21.26 8.72
C PRO A 285 -10.00 20.37 7.87
N ASN A 286 -8.77 20.78 7.58
CA ASN A 286 -7.82 19.94 6.84
C ASN A 286 -7.57 18.61 7.54
N LEU A 287 -7.58 18.64 8.87
CA LEU A 287 -7.22 17.51 9.66
C LEU A 287 -8.36 16.52 9.60
N VAL A 288 -9.56 17.03 9.85
CA VAL A 288 -10.78 16.25 9.88
C VAL A 288 -11.07 15.66 8.52
N GLU A 289 -10.87 16.43 7.46
CA GLU A 289 -11.32 16.00 6.13
C GLU A 289 -10.30 15.15 5.42
N ASN A 290 -9.03 15.50 5.53
CA ASN A 290 -7.99 14.99 4.64
C ASN A 290 -6.87 14.21 5.32
N ILE A 291 -6.65 14.41 6.62
CA ILE A 291 -5.45 13.84 7.24
C ILE A 291 -5.86 12.68 8.11
N LEU A 292 -6.78 12.93 8.99
CA LEU A 292 -7.22 11.88 9.86
C LEU A 292 -7.81 10.67 9.09
N PRO A 293 -8.51 10.88 7.96
CA PRO A 293 -8.93 9.62 7.30
C PRO A 293 -7.78 8.72 6.84
N THR A 294 -6.55 9.23 6.80
CA THR A 294 -5.45 8.42 6.34
C THR A 294 -4.85 7.63 7.46
N ARG A 295 -5.34 7.84 8.68
CA ARG A 295 -4.73 7.21 9.86
C ARG A 295 -4.76 5.64 9.84
N PRO A 296 -5.91 5.04 9.47
CA PRO A 296 -5.86 3.57 9.50
C PRO A 296 -4.96 2.96 8.39
N ARG A 297 -4.39 3.82 7.53
CA ARG A 297 -3.49 3.36 6.46
C ARG A 297 -2.03 3.22 6.93
N ALA A 298 -1.72 3.72 8.12
CA ALA A 298 -0.33 3.64 8.61
C ALA A 298 0.01 2.24 9.14
N THR A 299 1.28 1.87 9.06
CA THR A 299 1.77 0.63 9.70
C THR A 299 1.71 0.78 11.24
N LEU A 300 2.04 1.98 11.70
CA LEU A 300 2.19 2.26 13.11
C LEU A 300 1.52 3.58 13.48
N VAL A 301 0.67 3.54 14.50
CA VAL A 301 0.06 4.76 15.01
C VAL A 301 0.54 5.01 16.42
N LEU A 302 1.20 6.17 16.62
CA LEU A 302 1.59 6.68 17.95
C LEU A 302 0.67 7.77 18.43
N ARG A 303 -0.02 7.51 19.53
CA ARG A 303 -0.91 8.53 20.06
C ARG A 303 -0.19 9.27 21.21
N LYS A 304 -0.10 10.61 21.11
CA LYS A 304 0.50 11.46 22.16
C LYS A 304 -0.53 12.04 23.13
N ASP A 305 -0.14 12.13 24.42
CA ASP A 305 -0.91 12.74 25.51
C ASP A 305 -0.87 14.25 25.40
N ALA A 306 -1.75 14.93 26.12
CA ALA A 306 -1.70 16.40 26.23
C ALA A 306 -0.28 16.93 26.51
N ASP A 307 0.46 16.29 27.42
CA ASP A 307 1.81 16.74 27.72
C ASP A 307 2.85 16.31 26.71
N HIS A 308 2.43 16.00 25.48
CA HIS A 308 3.34 15.59 24.38
C HIS A 308 3.92 14.16 24.44
N SER A 309 3.57 13.36 25.44
CA SER A 309 4.25 12.08 25.57
C SER A 309 3.38 10.95 25.03
N ILE A 310 4.05 9.92 24.54
CA ILE A 310 3.39 8.83 23.86
C ILE A 310 2.64 7.99 24.85
N ASN A 311 1.35 7.81 24.64
CA ASN A 311 0.59 6.94 25.54
C ASN A 311 0.06 5.66 24.89
N ARG A 312 0.24 5.51 23.57
CA ARG A 312 -0.31 4.35 22.86
C ARG A 312 0.38 4.10 21.54
N LEU A 313 0.72 2.84 21.31
CA LEU A 313 1.28 2.39 20.04
C LEU A 313 0.37 1.29 19.49
N ARG A 314 -0.04 1.47 18.23
CA ARG A 314 -0.70 0.41 17.45
C ARG A 314 0.16 0.03 16.27
N LEU A 315 0.62 -1.21 16.26
CA LEU A 315 1.38 -1.71 15.13
C LEU A 315 0.50 -2.73 14.39
N ARG A 316 0.48 -2.62 13.06
CA ARG A 316 -0.14 -3.62 12.20
C ARG A 316 0.48 -4.97 12.52
N LYS A 317 -0.34 -6.00 12.73
CA LYS A 317 0.22 -7.35 12.99
C LYS A 317 0.99 -7.83 11.79
N LEU A 318 2.10 -8.49 12.03
CA LEU A 318 2.91 -9.01 10.95
C LEU A 318 2.45 -10.42 10.52
N PRO B 13 14.82 5.02 -16.35
CA PRO B 13 14.82 4.75 -14.90
C PRO B 13 13.39 4.67 -14.34
N SER B 14 13.09 3.52 -13.72
CA SER B 14 11.70 3.12 -13.40
C SER B 14 11.63 2.19 -12.18
N PRO B 15 10.46 2.11 -11.50
CA PRO B 15 10.40 1.36 -10.22
C PRO B 15 10.38 -0.18 -10.34
N TYR B 16 10.31 -0.70 -11.55
CA TYR B 16 10.24 -2.17 -11.68
C TYR B 16 11.41 -2.70 -12.53
N VAL B 17 11.75 -3.97 -12.34
CA VAL B 17 12.65 -4.71 -13.23
C VAL B 17 11.80 -5.31 -14.37
N GLU B 18 12.19 -5.08 -15.63
CA GLU B 18 11.49 -5.64 -16.79
C GLU B 18 12.21 -6.77 -17.54
N PHE B 19 11.49 -7.88 -17.76
CA PHE B 19 11.92 -8.96 -18.62
C PHE B 19 10.88 -9.19 -19.72
N ASP B 20 11.31 -9.13 -20.98
CA ASP B 20 10.53 -9.78 -22.04
C ASP B 20 10.72 -11.29 -21.86
N ARG B 21 9.98 -12.08 -22.62
CA ARG B 21 10.03 -13.54 -22.50
C ARG B 21 11.39 -14.11 -22.95
N ARG B 22 12.00 -13.53 -24.00
CA ARG B 22 13.37 -13.96 -24.37
C ARG B 22 14.34 -13.78 -23.20
N GLN B 23 14.32 -12.59 -22.57
CA GLN B 23 15.19 -12.29 -21.41
C GLN B 23 14.85 -13.15 -20.19
N TRP B 24 13.56 -13.42 -19.97
CA TRP B 24 13.17 -14.37 -18.91
C TRP B 24 13.66 -15.76 -19.24
N ARG B 25 13.86 -16.02 -20.53
CA ARG B 25 14.32 -17.36 -20.91
C ARG B 25 15.81 -17.58 -20.69
N ALA B 26 16.66 -16.59 -21.03
CA ALA B 26 18.07 -16.63 -20.58
C ALA B 26 18.12 -16.64 -19.04
N LEU B 27 17.82 -17.81 -18.46
CA LEU B 27 17.30 -17.85 -17.10
C LEU B 27 18.14 -18.71 -16.17
N ARG B 28 19.26 -18.14 -15.71
CA ARG B 28 20.13 -18.84 -14.77
C ARG B 28 19.52 -18.77 -13.38
N MET B 29 18.37 -19.43 -13.24
CA MET B 29 17.62 -19.40 -11.99
C MET B 29 18.07 -20.53 -11.09
N SER B 30 18.59 -20.16 -9.92
CA SER B 30 19.35 -21.02 -9.01
C SER B 30 18.83 -22.44 -8.78
N THR B 31 17.55 -22.57 -8.39
CA THR B 31 16.98 -23.88 -8.03
C THR B 31 16.28 -24.61 -9.19
N PRO B 32 16.73 -25.84 -9.50
CA PRO B 32 15.91 -26.74 -10.29
C PRO B 32 14.78 -27.30 -9.41
N LEU B 33 13.65 -26.60 -9.44
CA LEU B 33 12.48 -26.91 -8.60
C LEU B 33 11.79 -28.20 -9.07
N ALA B 34 11.50 -29.11 -8.14
CA ALA B 34 11.09 -30.48 -8.49
C ALA B 34 9.59 -30.63 -8.81
N LEU B 35 9.23 -30.75 -10.08
CA LEU B 35 7.83 -30.93 -10.49
C LEU B 35 7.41 -32.36 -10.87
N THR B 36 6.57 -32.96 -10.02
CA THR B 36 6.04 -34.31 -10.27
C THR B 36 4.88 -34.29 -11.26
N GLU B 37 4.20 -35.42 -11.40
CA GLU B 37 3.55 -35.74 -12.67
C GLU B 37 2.02 -35.89 -12.90
N GLU B 38 1.14 -36.31 -11.98
CA GLU B 38 1.21 -36.38 -10.51
C GLU B 38 0.74 -35.03 -9.92
N GLU B 39 1.63 -34.03 -9.90
CA GLU B 39 1.18 -32.66 -9.66
C GLU B 39 0.72 -32.05 -10.98
N LEU B 40 1.41 -32.37 -12.07
CA LEU B 40 1.01 -31.98 -13.44
C LEU B 40 -0.41 -32.45 -13.83
N VAL B 41 -0.85 -33.55 -13.24
CA VAL B 41 -2.20 -34.08 -13.51
C VAL B 41 -3.26 -33.16 -12.88
N GLY B 42 -3.05 -32.82 -11.61
CA GLY B 42 -3.85 -31.80 -10.95
C GLY B 42 -3.86 -30.54 -11.80
N LEU B 43 -2.67 -30.14 -12.27
CA LEU B 43 -2.47 -28.89 -13.02
C LEU B 43 -3.27 -28.81 -14.32
N ARG B 44 -3.53 -29.97 -14.94
CA ARG B 44 -4.45 -30.05 -16.08
C ARG B 44 -5.92 -29.92 -15.66
N GLY B 45 -6.22 -30.28 -14.41
CA GLY B 45 -7.59 -30.21 -13.85
C GLY B 45 -8.28 -28.85 -13.88
N LEU B 46 -7.50 -27.82 -14.19
CA LEU B 46 -8.00 -26.45 -14.32
C LEU B 46 -7.80 -25.89 -15.75
N GLY B 47 -8.10 -26.75 -16.74
CA GLY B 47 -7.84 -26.46 -18.17
C GLY B 47 -8.47 -25.23 -18.81
N GLU B 48 -7.78 -24.09 -18.68
CA GLU B 48 -7.94 -22.92 -19.56
C GLU B 48 -7.22 -23.32 -20.84
N GLN B 49 -7.28 -24.62 -21.15
CA GLN B 49 -6.28 -25.28 -21.96
C GLN B 49 -4.93 -24.74 -21.48
N ILE B 50 -4.55 -25.13 -20.26
CA ILE B 50 -3.32 -24.61 -19.68
C ILE B 50 -2.10 -25.20 -20.35
N ASP B 51 -1.16 -24.33 -20.66
CA ASP B 51 0.09 -24.69 -21.27
C ASP B 51 1.01 -25.09 -20.12
N LEU B 52 1.52 -26.31 -20.16
CA LEU B 52 2.41 -26.76 -19.10
C LEU B 52 3.85 -26.24 -19.26
N LEU B 53 4.25 -25.94 -20.49
CA LEU B 53 5.42 -25.11 -20.73
C LEU B 53 5.38 -23.85 -19.85
N GLU B 54 4.28 -23.10 -19.97
CA GLU B 54 4.04 -21.91 -19.18
C GLU B 54 4.22 -22.17 -17.72
N VAL B 55 3.54 -23.20 -17.22
CA VAL B 55 3.67 -23.50 -15.80
C VAL B 55 5.14 -23.69 -15.44
N GLU B 56 5.89 -24.41 -16.27
CA GLU B 56 7.25 -24.79 -15.92
C GLU B 56 8.21 -23.62 -16.04
N GLU B 57 8.10 -22.84 -17.11
CA GLU B 57 9.02 -21.73 -17.31
C GLU B 57 8.62 -20.40 -16.61
N VAL B 58 7.32 -20.20 -16.34
CA VAL B 58 6.82 -18.93 -15.82
C VAL B 58 6.22 -19.03 -14.41
N TYR B 59 5.19 -19.85 -14.20
CA TYR B 59 4.45 -19.80 -12.95
C TYR B 59 5.19 -20.39 -11.78
N LEU B 60 5.89 -21.48 -12.03
CA LEU B 60 6.76 -22.08 -11.01
C LEU B 60 7.85 -21.09 -10.50
N PRO B 61 8.68 -20.55 -11.40
CA PRO B 61 9.67 -19.58 -10.93
C PRO B 61 9.05 -18.39 -10.17
N LEU B 62 7.94 -17.87 -10.67
CA LEU B 62 7.18 -16.80 -10.02
C LEU B 62 6.76 -17.21 -8.65
N ALA B 63 6.25 -18.43 -8.54
CA ALA B 63 5.81 -18.89 -7.24
C ALA B 63 7.01 -18.98 -6.31
N ARG B 64 8.22 -19.11 -6.87
CA ARG B 64 9.37 -19.17 -5.99
C ARG B 64 9.71 -17.75 -5.56
N LEU B 65 9.60 -16.79 -6.47
CA LEU B 65 9.76 -15.40 -6.09
C LEU B 65 8.79 -15.06 -4.99
N ILE B 66 7.55 -15.49 -5.13
CA ILE B 66 6.54 -15.12 -4.16
C ILE B 66 6.85 -15.79 -2.85
N HIS B 67 7.26 -17.06 -2.93
CA HIS B 67 7.67 -17.82 -1.77
C HIS B 67 8.73 -17.09 -0.95
N LEU B 68 9.76 -16.60 -1.63
CA LEU B 68 10.76 -15.79 -0.94
C LEU B 68 10.08 -14.71 -0.06
N GLN B 69 9.15 -13.95 -0.63
CA GLN B 69 8.45 -12.93 0.13
C GLN B 69 7.59 -13.46 1.28
N VAL B 70 6.92 -14.61 1.11
CA VAL B 70 6.17 -15.16 2.25
C VAL B 70 7.15 -15.58 3.36
N ALA B 71 8.27 -16.15 2.93
CA ALA B 71 9.25 -16.68 3.89
C ALA B 71 9.81 -15.50 4.70
N ALA B 72 10.26 -14.48 3.99
CA ALA B 72 10.77 -13.25 4.62
C ALA B 72 9.76 -12.65 5.60
N ARG B 73 8.52 -12.51 5.18
CA ARG B 73 7.47 -11.98 6.06
C ARG B 73 7.21 -12.88 7.29
N GLN B 74 7.31 -14.19 7.10
CA GLN B 74 7.17 -15.13 8.25
C GLN B 74 8.30 -14.99 9.25
N ARG B 75 9.52 -14.85 8.77
CA ARG B 75 10.65 -14.73 9.67
C ARG B 75 10.70 -13.35 10.34
N LEU B 76 10.31 -12.31 9.61
CA LEU B 76 10.12 -10.98 10.18
C LEU B 76 9.13 -11.02 11.31
N PHE B 77 8.03 -11.77 11.15
CA PHE B 77 7.09 -11.91 12.27
C PHE B 77 7.80 -12.42 13.51
N ALA B 78 8.57 -13.50 13.35
CA ALA B 78 9.25 -14.15 14.48
C ALA B 78 10.31 -13.29 15.12
N ALA B 79 11.15 -12.64 14.31
CA ALA B 79 12.17 -11.73 14.87
C ALA B 79 11.50 -10.60 15.66
N THR B 80 10.40 -10.05 15.14
CA THR B 80 9.67 -9.00 15.83
C THR B 80 9.08 -9.48 17.14
N ALA B 81 8.47 -10.67 17.13
CA ALA B 81 7.85 -11.27 18.32
C ALA B 81 8.89 -11.54 19.43
N GLU B 82 10.03 -12.06 19.02
CA GLU B 82 11.14 -12.29 19.94
C GLU B 82 11.68 -10.97 20.49
N PHE B 83 11.79 -9.97 19.61
CA PHE B 83 12.19 -8.66 20.07
C PHE B 83 11.26 -8.11 21.15
N LEU B 84 9.96 -8.31 21.01
CA LEU B 84 9.04 -7.80 22.03
C LEU B 84 8.96 -8.69 23.25
N GLY B 85 9.67 -9.83 23.22
CA GLY B 85 9.63 -10.81 24.30
C GLY B 85 8.26 -11.47 24.32
N GLU B 86 7.71 -11.68 23.11
CA GLU B 86 6.41 -12.38 22.89
C GLU B 86 5.35 -12.09 23.92
N PRO B 87 4.89 -10.83 23.98
CA PRO B 87 3.87 -10.44 24.95
C PRO B 87 2.48 -11.00 24.60
N GLN B 88 1.59 -11.01 25.60
CA GLN B 88 0.20 -11.42 25.46
C GLN B 88 -0.57 -10.73 24.32
N GLN B 89 -0.27 -9.44 24.06
CA GLN B 89 -0.95 -8.65 23.01
C GLN B 89 -0.64 -9.19 21.61
N ASN B 90 0.56 -9.70 21.44
CA ASN B 90 0.96 -10.24 20.17
C ASN B 90 0.33 -11.60 19.83
N PRO B 91 -0.14 -11.81 18.56
CA PRO B 91 -0.62 -13.14 18.15
C PRO B 91 0.52 -14.18 18.13
N ASP B 92 0.16 -15.46 18.21
CA ASP B 92 1.14 -16.56 18.23
C ASP B 92 1.70 -16.87 16.84
N ARG B 93 0.96 -16.47 15.82
CA ARG B 93 1.24 -16.88 14.45
C ARG B 93 1.25 -15.66 13.55
N PRO B 94 2.05 -15.71 12.47
CA PRO B 94 1.87 -14.72 11.44
C PRO B 94 0.41 -14.72 10.96
N VAL B 95 -0.10 -13.53 10.63
CA VAL B 95 -1.39 -13.40 9.99
C VAL B 95 -1.27 -13.87 8.51
N PRO B 96 -2.41 -14.24 7.91
CA PRO B 96 -2.34 -14.65 6.51
C PRO B 96 -1.56 -13.67 5.61
N PHE B 97 -0.69 -14.18 4.75
CA PHE B 97 -0.09 -13.41 3.65
C PHE B 97 -1.11 -13.34 2.47
N ILE B 98 -1.54 -12.13 2.14
CA ILE B 98 -2.60 -11.91 1.15
C ILE B 98 -2.02 -11.47 -0.18
N ILE B 99 -2.39 -12.19 -1.24
CA ILE B 99 -1.99 -11.81 -2.60
C ILE B 99 -3.22 -11.35 -3.37
N GLY B 100 -3.13 -10.17 -3.96
CA GLY B 100 -4.20 -9.68 -4.82
C GLY B 100 -3.91 -10.06 -6.26
N VAL B 101 -4.96 -10.43 -7.02
CA VAL B 101 -4.82 -10.66 -8.47
C VAL B 101 -5.86 -9.87 -9.29
N ALA B 102 -5.38 -8.90 -10.09
CA ALA B 102 -6.28 -8.03 -10.85
C ALA B 102 -6.12 -8.20 -12.35
N GLY B 103 -7.02 -7.56 -13.12
CA GLY B 103 -7.03 -7.64 -14.59
C GLY B 103 -8.45 -7.59 -15.13
N SER B 104 -8.60 -7.44 -16.44
CA SER B 104 -9.95 -7.45 -17.05
C SER B 104 -10.77 -8.73 -16.83
N VAL B 105 -12.09 -8.66 -16.97
CA VAL B 105 -12.89 -9.89 -17.19
C VAL B 105 -12.23 -10.65 -18.35
N ALA B 106 -12.15 -11.99 -18.25
CA ALA B 106 -11.65 -12.85 -19.37
C ALA B 106 -10.13 -12.81 -19.64
N VAL B 107 -9.38 -12.17 -18.77
CA VAL B 107 -7.95 -12.07 -18.99
C VAL B 107 -7.21 -13.34 -18.47
N GLY B 108 -7.87 -14.16 -17.67
CA GLY B 108 -7.20 -15.31 -17.05
C GLY B 108 -6.85 -15.21 -15.55
N LYS B 109 -7.42 -14.23 -14.86
CA LYS B 109 -7.21 -14.09 -13.41
C LYS B 109 -7.43 -15.40 -12.68
N SER B 110 -8.59 -16.00 -12.92
CA SER B 110 -9.03 -17.18 -12.16
C SER B 110 -8.09 -18.39 -12.28
N THR B 111 -7.57 -18.56 -13.49
CA THR B 111 -6.69 -19.66 -13.82
C THR B 111 -5.34 -19.41 -13.19
N THR B 112 -4.74 -18.26 -13.52
CA THR B 112 -3.50 -17.76 -12.90
C THR B 112 -3.51 -17.95 -11.39
N ALA B 113 -4.62 -17.58 -10.75
CA ALA B 113 -4.78 -17.70 -9.32
C ALA B 113 -4.86 -19.15 -8.88
N ARG B 114 -5.53 -19.98 -9.68
CA ARG B 114 -5.71 -21.38 -9.31
C ARG B 114 -4.37 -22.11 -9.41
N VAL B 115 -3.56 -21.68 -10.37
CA VAL B 115 -2.25 -22.25 -10.56
C VAL B 115 -1.28 -21.83 -9.44
N LEU B 116 -1.26 -20.54 -9.07
CA LEU B 116 -0.40 -20.10 -7.96
C LEU B 116 -0.81 -20.80 -6.66
N GLN B 117 -2.12 -20.99 -6.49
CA GLN B 117 -2.61 -21.67 -5.31
C GLN B 117 -2.03 -23.08 -5.24
N ALA B 118 -1.94 -23.76 -6.38
CA ALA B 118 -1.47 -25.14 -6.39
C ALA B 118 0.03 -25.18 -6.21
N LEU B 119 0.72 -24.22 -6.81
CA LEU B 119 2.18 -24.16 -6.70
C LEU B 119 2.60 -23.69 -5.32
N LEU B 120 1.89 -22.70 -4.76
CA LEU B 120 2.35 -22.10 -3.51
C LEU B 120 2.14 -23.05 -2.38
N ALA B 121 1.14 -23.90 -2.51
CA ALA B 121 0.78 -24.78 -1.43
C ALA B 121 1.86 -25.83 -1.16
N ARG B 122 2.78 -26.03 -2.11
CA ARG B 122 3.70 -27.14 -1.97
C ARG B 122 4.97 -26.90 -1.14
N TRP B 123 5.11 -25.68 -0.62
CA TRP B 123 6.14 -25.41 0.37
C TRP B 123 5.55 -25.73 1.72
N ASP B 124 6.34 -26.31 2.60
CA ASP B 124 5.87 -26.64 3.95
C ASP B 124 5.74 -25.42 4.87
N HIS B 125 6.43 -24.34 4.51
CA HIS B 125 6.32 -23.05 5.21
C HIS B 125 4.88 -22.56 5.13
N HIS B 126 4.24 -22.82 3.99
CA HIS B 126 2.90 -22.28 3.80
C HIS B 126 1.98 -23.20 2.95
N PRO B 127 1.53 -24.32 3.54
CA PRO B 127 0.75 -25.32 2.81
C PRO B 127 -0.73 -24.97 2.63
N ARG B 128 -1.31 -24.17 3.52
CA ARG B 128 -2.71 -23.79 3.43
C ARG B 128 -2.91 -22.46 2.70
N VAL B 129 -3.24 -22.56 1.41
CA VAL B 129 -3.37 -21.45 0.50
C VAL B 129 -4.83 -21.35 0.06
N ASP B 130 -5.57 -20.36 0.58
CA ASP B 130 -6.97 -20.17 0.16
C ASP B 130 -7.10 -19.30 -1.08
N LEU B 131 -8.27 -19.38 -1.73
CA LEU B 131 -8.54 -18.54 -2.90
C LEU B 131 -9.94 -18.03 -2.77
N VAL B 132 -10.06 -16.70 -2.80
CA VAL B 132 -11.38 -16.05 -2.78
C VAL B 132 -11.50 -15.06 -3.91
N THR B 133 -12.69 -14.97 -4.47
CA THR B 133 -12.89 -14.05 -5.56
C THR B 133 -13.75 -12.96 -5.03
N THR B 134 -13.49 -11.73 -5.41
CA THR B 134 -14.33 -10.64 -4.89
C THR B 134 -15.67 -10.60 -5.61
N ASP B 135 -15.89 -11.52 -6.56
CA ASP B 135 -17.21 -11.61 -7.24
C ASP B 135 -18.32 -11.84 -6.23
N GLY B 136 -18.01 -12.59 -5.17
CA GLY B 136 -18.94 -12.76 -4.06
C GLY B 136 -19.32 -11.47 -3.37
N PHE B 137 -18.62 -10.37 -3.66
CA PHE B 137 -18.98 -9.11 -2.98
C PHE B 137 -19.84 -8.14 -3.80
N LEU B 138 -20.13 -8.50 -5.05
CA LEU B 138 -21.17 -7.79 -5.82
C LEU B 138 -22.48 -7.84 -5.06
N TYR B 139 -23.28 -6.77 -5.13
CA TYR B 139 -24.64 -6.81 -4.61
C TYR B 139 -25.42 -7.80 -5.46
N PRO B 140 -26.33 -8.58 -4.82
CA PRO B 140 -27.24 -9.46 -5.54
C PRO B 140 -27.98 -8.67 -6.60
N ASN B 141 -28.17 -9.25 -7.78
CA ASN B 141 -28.94 -8.62 -8.85
C ASN B 141 -30.16 -7.81 -8.37
N ALA B 142 -30.89 -8.39 -7.40
CA ALA B 142 -32.06 -7.76 -6.77
C ALA B 142 -31.76 -6.36 -6.26
N GLU B 143 -30.75 -6.30 -5.39
CA GLU B 143 -30.22 -5.06 -4.84
C GLU B 143 -29.70 -4.09 -5.92
N LEU B 144 -29.02 -4.61 -6.94
CA LEU B 144 -28.46 -3.79 -8.03
C LEU B 144 -29.52 -3.04 -8.81
N GLN B 145 -30.62 -3.73 -9.13
CA GLN B 145 -31.79 -3.12 -9.77
C GLN B 145 -32.34 -2.03 -8.84
N ARG B 146 -32.65 -2.43 -7.61
CA ARG B 146 -33.11 -1.49 -6.59
C ARG B 146 -32.29 -0.20 -6.55
N ARG B 147 -31.03 -0.28 -6.99
CA ARG B 147 -30.11 0.88 -7.02
C ARG B 147 -29.93 1.53 -8.39
N ASN B 148 -30.59 1.00 -9.42
CA ASN B 148 -30.38 1.47 -10.80
C ASN B 148 -28.92 1.24 -11.23
N LEU B 149 -28.34 0.11 -10.83
CA LEU B 149 -26.93 -0.14 -11.13
C LEU B 149 -26.64 -1.38 -12.00
N MET B 150 -27.68 -2.08 -12.46
CA MET B 150 -27.49 -3.30 -13.26
C MET B 150 -26.55 -3.13 -14.46
N HIS B 151 -26.67 -2.01 -15.16
CA HIS B 151 -25.87 -1.73 -16.34
C HIS B 151 -24.46 -1.34 -15.94
N ARG B 152 -24.21 -1.42 -14.62
CA ARG B 152 -22.94 -1.07 -14.06
C ARG B 152 -22.30 -2.21 -13.27
N LYS B 153 -22.93 -3.39 -13.32
CA LYS B 153 -22.36 -4.60 -12.71
C LYS B 153 -20.88 -4.72 -13.09
N GLY B 154 -20.01 -4.89 -12.08
CA GLY B 154 -18.54 -4.96 -12.28
C GLY B 154 -17.78 -3.63 -12.12
N PHE B 155 -18.52 -2.54 -12.18
CA PHE B 155 -18.02 -1.22 -11.81
C PHE B 155 -17.85 -1.12 -10.29
N PRO B 156 -16.94 -0.24 -9.81
CA PRO B 156 -16.63 -0.11 -8.38
C PRO B 156 -17.84 -0.11 -7.45
N GLU B 157 -18.86 0.68 -7.77
CA GLU B 157 -20.01 0.78 -6.90
C GLU B 157 -20.94 -0.41 -6.98
N SER B 158 -20.67 -1.38 -7.85
CA SER B 158 -21.58 -2.55 -7.86
C SER B 158 -21.28 -3.54 -6.77
N TYR B 159 -20.15 -3.34 -6.09
CA TYR B 159 -19.74 -4.16 -4.97
C TYR B 159 -20.15 -3.54 -3.65
N ASN B 160 -20.49 -4.39 -2.68
CA ASN B 160 -20.54 -4.02 -1.27
C ASN B 160 -19.09 -3.86 -0.76
N ARG B 161 -18.53 -2.68 -1.02
CA ARG B 161 -17.16 -2.32 -0.63
C ARG B 161 -16.88 -2.48 0.84
N ARG B 162 -17.84 -2.00 1.63
CA ARG B 162 -17.77 -2.05 3.07
C ARG B 162 -17.59 -3.50 3.53
N ALA B 163 -18.45 -4.40 3.03
CA ALA B 163 -18.38 -5.81 3.41
C ALA B 163 -17.08 -6.46 2.92
N LEU B 164 -16.61 -6.04 1.75
CA LEU B 164 -15.35 -6.59 1.25
C LEU B 164 -14.22 -6.23 2.19
N MET B 165 -14.16 -4.94 2.53
CA MET B 165 -13.16 -4.40 3.46
C MET B 165 -13.23 -5.10 4.82
N ARG B 166 -14.43 -5.29 5.34
CA ARG B 166 -14.60 -6.04 6.59
C ARG B 166 -14.06 -7.46 6.49
N PHE B 167 -14.26 -8.09 5.33
CA PHE B 167 -13.75 -9.43 5.10
C PHE B 167 -12.24 -9.40 5.15
N VAL B 168 -11.59 -8.56 4.33
CA VAL B 168 -10.13 -8.65 4.25
C VAL B 168 -9.53 -8.27 5.61
N THR B 169 -10.11 -7.29 6.27
CA THR B 169 -9.64 -6.80 7.57
C THR B 169 -9.70 -7.94 8.60
N SER B 170 -10.80 -8.69 8.58
CA SER B 170 -10.94 -9.84 9.42
C SER B 170 -9.84 -10.89 9.15
N VAL B 171 -9.58 -11.20 7.89
CA VAL B 171 -8.50 -12.13 7.60
C VAL B 171 -7.12 -11.61 8.06
N LYS B 172 -6.83 -10.35 7.75
CA LYS B 172 -5.58 -9.68 8.18
C LYS B 172 -5.43 -9.51 9.68
N SER B 173 -6.54 -9.53 10.42
CA SER B 173 -6.49 -9.52 11.89
C SER B 173 -6.13 -10.83 12.56
N GLY B 174 -6.01 -11.93 11.80
CA GLY B 174 -5.83 -13.26 12.36
C GLY B 174 -7.09 -13.90 12.96
N SER B 175 -8.27 -13.50 12.48
CA SER B 175 -9.51 -14.23 12.78
C SER B 175 -9.42 -15.72 12.44
N ASP B 176 -9.97 -16.56 13.30
CA ASP B 176 -10.17 -18.00 13.03
C ASP B 176 -11.18 -18.27 11.90
N TYR B 177 -12.17 -17.38 11.76
CA TYR B 177 -13.36 -17.61 10.94
C TYR B 177 -13.75 -16.33 10.19
N ALA B 178 -13.51 -16.28 8.89
CA ALA B 178 -13.98 -15.17 8.06
C ALA B 178 -14.75 -15.71 6.86
N CYS B 179 -15.86 -15.06 6.53
CA CYS B 179 -16.80 -15.54 5.52
C CYS B 179 -17.02 -14.59 4.39
N ALA B 180 -16.85 -15.09 3.17
CA ALA B 180 -17.26 -14.37 1.96
C ALA B 180 -18.52 -15.02 1.39
N PRO B 181 -19.42 -14.22 0.77
CA PRO B 181 -20.54 -14.80 0.06
C PRO B 181 -20.05 -15.37 -1.26
N VAL B 182 -20.95 -15.96 -2.03
CA VAL B 182 -20.58 -16.61 -3.29
C VAL B 182 -21.46 -16.11 -4.42
N TYR B 183 -20.82 -15.89 -5.57
CA TYR B 183 -21.47 -15.45 -6.80
C TYR B 183 -21.41 -16.61 -7.75
N SER B 184 -22.59 -17.01 -8.26
CA SER B 184 -22.72 -18.09 -9.24
C SER B 184 -22.32 -17.60 -10.63
N HIS B 185 -21.43 -18.33 -11.30
CA HIS B 185 -21.16 -18.07 -12.73
C HIS B 185 -22.09 -18.84 -13.68
N LEU B 186 -23.07 -19.57 -13.12
CA LEU B 186 -24.08 -20.22 -13.95
C LEU B 186 -25.34 -19.37 -13.93
N HIS B 187 -25.74 -18.97 -12.73
CA HIS B 187 -26.90 -18.10 -12.54
C HIS B 187 -26.60 -16.58 -12.63
N TYR B 188 -25.35 -16.21 -12.89
CA TYR B 188 -24.85 -14.81 -12.81
C TYR B 188 -25.49 -13.92 -11.74
N ASP B 189 -25.47 -14.40 -10.49
CA ASP B 189 -26.04 -13.69 -9.37
C ASP B 189 -25.36 -14.24 -8.13
N ILE B 190 -25.54 -13.56 -7.01
CA ILE B 190 -25.19 -14.08 -5.70
C ILE B 190 -26.07 -15.29 -5.40
N ILE B 191 -25.44 -16.38 -4.94
CA ILE B 191 -26.12 -17.57 -4.43
C ILE B 191 -26.56 -17.39 -2.98
N PRO B 192 -27.88 -17.22 -2.75
CA PRO B 192 -28.41 -16.92 -1.40
C PRO B 192 -28.06 -17.99 -0.36
N GLY B 193 -27.64 -17.55 0.83
CA GLY B 193 -27.25 -18.47 1.90
C GLY B 193 -25.91 -19.18 1.72
N ALA B 194 -25.33 -19.10 0.52
CA ALA B 194 -24.01 -19.68 0.25
C ALA B 194 -22.89 -18.78 0.77
N GLU B 195 -21.89 -19.40 1.39
CA GLU B 195 -20.78 -18.68 1.99
C GLU B 195 -19.50 -19.47 1.79
N GLN B 196 -18.39 -18.77 1.58
CA GLN B 196 -17.11 -19.45 1.64
C GLN B 196 -16.41 -19.12 2.95
N VAL B 197 -16.02 -20.16 3.69
CA VAL B 197 -15.29 -20.00 4.94
C VAL B 197 -13.77 -20.03 4.77
N VAL B 198 -13.11 -18.98 5.25
CA VAL B 198 -11.65 -18.88 5.28
C VAL B 198 -11.15 -18.95 6.73
N ARG B 199 -10.22 -19.88 6.99
CA ARG B 199 -9.87 -20.25 8.36
C ARG B 199 -8.40 -20.04 8.65
N HIS B 200 -8.00 -18.78 8.78
CA HIS B 200 -6.60 -18.41 8.97
C HIS B 200 -5.62 -19.18 8.10
N PRO B 201 -5.75 -19.10 6.78
CA PRO B 201 -4.76 -19.75 5.92
C PRO B 201 -3.42 -19.08 6.05
N ASP B 202 -2.36 -19.72 5.57
CA ASP B 202 -1.05 -19.11 5.52
C ASP B 202 -1.01 -18.07 4.40
N ILE B 203 -1.81 -18.29 3.37
CA ILE B 203 -1.84 -17.40 2.19
C ILE B 203 -3.27 -17.37 1.71
N LEU B 204 -3.82 -16.17 1.58
CA LEU B 204 -5.03 -15.97 0.87
C LEU B 204 -4.70 -15.32 -0.45
N ILE B 205 -5.17 -15.93 -1.52
CA ILE B 205 -5.16 -15.26 -2.82
C ILE B 205 -6.52 -14.61 -3.00
N LEU B 206 -6.52 -13.30 -3.24
CA LEU B 206 -7.77 -12.60 -3.44
C LEU B 206 -7.85 -12.09 -4.88
N GLU B 207 -8.87 -12.57 -5.59
CA GLU B 207 -8.96 -12.39 -7.01
C GLU B 207 -10.16 -11.54 -7.43
N GLY B 208 -9.95 -10.58 -8.29
CA GLY B 208 -11.09 -9.82 -8.79
C GLY B 208 -10.73 -8.60 -9.58
N LEU B 209 -11.73 -8.05 -10.27
CA LEU B 209 -11.61 -6.88 -11.13
C LEU B 209 -11.13 -5.66 -10.36
N ASN B 210 -11.58 -5.55 -9.11
CA ASN B 210 -11.42 -4.33 -8.34
C ASN B 210 -10.40 -4.38 -7.21
N VAL B 211 -9.51 -5.38 -7.18
CA VAL B 211 -8.68 -5.56 -5.96
C VAL B 211 -7.60 -4.48 -5.72
N LEU B 212 -7.17 -3.81 -6.79
CA LEU B 212 -6.15 -2.77 -6.75
C LEU B 212 -6.79 -1.43 -6.96
N GLN B 213 -8.11 -1.36 -6.79
CA GLN B 213 -8.76 -0.06 -6.82
C GLN B 213 -8.59 0.75 -5.52
N THR B 214 -8.48 2.03 -5.76
CA THR B 214 -8.22 3.07 -4.80
C THR B 214 -9.52 3.53 -4.12
N GLY B 215 -9.42 3.93 -2.87
CA GLY B 215 -10.55 4.51 -2.17
C GLY B 215 -10.08 5.76 -1.44
N PRO B 216 -11.02 6.57 -0.92
CA PRO B 216 -10.64 7.73 -0.10
C PRO B 216 -9.82 7.34 1.13
N THR B 217 -10.14 6.20 1.72
CA THR B 217 -9.56 5.81 3.00
C THR B 217 -8.80 4.50 2.89
N LEU B 218 -8.99 3.61 3.87
CA LEU B 218 -8.38 2.28 3.83
C LEU B 218 -9.05 1.45 2.73
N MET B 219 -8.24 1.02 1.76
CA MET B 219 -8.68 0.18 0.65
C MET B 219 -8.22 -1.27 0.89
N VAL B 220 -8.79 -2.26 0.18
CA VAL B 220 -8.33 -3.66 0.39
C VAL B 220 -6.86 -3.83 0.01
N SER B 221 -6.39 -3.10 -0.98
CA SER B 221 -4.99 -3.28 -1.34
C SER B 221 -3.98 -2.87 -0.25
N ASP B 222 -4.43 -2.06 0.73
CA ASP B 222 -3.58 -1.65 1.86
C ASP B 222 -3.25 -2.86 2.72
N LEU B 223 -4.04 -3.92 2.57
CA LEU B 223 -3.85 -5.11 3.36
C LEU B 223 -3.19 -6.24 2.54
N PHE B 224 -2.70 -5.91 1.35
CA PHE B 224 -2.05 -6.89 0.50
C PHE B 224 -0.58 -6.94 0.84
N ASP B 225 -0.01 -8.15 0.77
CA ASP B 225 1.44 -8.29 0.90
C ASP B 225 2.13 -8.38 -0.44
N PHE B 226 1.36 -8.61 -1.50
CA PHE B 226 1.89 -8.77 -2.86
C PHE B 226 0.66 -8.69 -3.74
N SER B 227 0.83 -8.30 -4.99
CA SER B 227 -0.30 -8.22 -5.87
C SER B 227 0.18 -8.39 -7.29
N LEU B 228 -0.69 -9.01 -8.09
CA LEU B 228 -0.40 -9.34 -9.48
C LEU B 228 -1.45 -8.70 -10.39
N TYR B 229 -1.02 -8.17 -11.52
CA TYR B 229 -1.97 -7.69 -12.49
C TYR B 229 -1.77 -8.46 -13.81
N VAL B 230 -2.83 -9.13 -14.25
CA VAL B 230 -2.76 -9.89 -15.53
C VAL B 230 -3.18 -8.98 -16.68
N ASP B 231 -2.25 -8.73 -17.57
CA ASP B 231 -2.43 -7.73 -18.61
C ASP B 231 -2.32 -8.34 -20.04
N ALA B 232 -2.98 -7.71 -21.01
CA ALA B 232 -2.94 -8.11 -22.42
C ALA B 232 -3.43 -6.95 -23.24
N ARG B 233 -3.07 -6.91 -24.53
CA ARG B 233 -3.67 -5.93 -25.46
C ARG B 233 -5.18 -6.01 -25.38
N ILE B 234 -5.80 -4.84 -25.50
CA ILE B 234 -7.23 -4.73 -25.27
C ILE B 234 -8.04 -5.52 -26.34
N GLU B 235 -7.50 -5.62 -27.55
CA GLU B 235 -8.09 -6.44 -28.60
C GLU B 235 -8.05 -7.92 -28.26
N ASP B 236 -6.92 -8.35 -27.70
CA ASP B 236 -6.77 -9.77 -27.39
C ASP B 236 -7.74 -10.23 -26.31
N ILE B 237 -8.06 -9.36 -25.36
CA ILE B 237 -9.01 -9.72 -24.28
C ILE B 237 -10.43 -9.81 -24.84
N GLU B 238 -10.76 -8.90 -25.76
CA GLU B 238 -12.03 -8.98 -26.49
C GLU B 238 -12.23 -10.39 -27.09
N GLN B 239 -11.25 -10.82 -27.87
CA GLN B 239 -11.28 -12.16 -28.48
C GLN B 239 -11.57 -13.25 -27.43
N TRP B 240 -10.80 -13.27 -26.33
CA TRP B 240 -11.00 -14.25 -25.26
C TRP B 240 -12.38 -14.13 -24.68
N TYR B 241 -12.87 -12.89 -24.62
CA TYR B 241 -14.18 -12.65 -24.09
C TYR B 241 -15.27 -13.27 -24.95
N VAL B 242 -15.22 -12.93 -26.24
CA VAL B 242 -16.15 -13.44 -27.30
C VAL B 242 -16.20 -14.97 -27.31
N SER B 243 -15.01 -15.62 -27.41
CA SER B 243 -14.91 -17.11 -27.29
C SER B 243 -15.55 -17.63 -26.03
N ARG B 244 -15.31 -16.97 -24.91
CA ARG B 244 -15.87 -17.48 -23.68
C ARG B 244 -17.38 -17.31 -23.74
N PHE B 245 -17.83 -16.24 -24.39
CA PHE B 245 -19.25 -16.06 -24.60
C PHE B 245 -19.80 -17.19 -25.51
N LEU B 246 -19.16 -17.44 -26.62
CA LEU B 246 -19.63 -18.55 -27.49
C LEU B 246 -19.71 -19.89 -26.75
N ALA B 247 -18.72 -20.15 -25.89
CA ALA B 247 -18.64 -21.44 -25.17
C ALA B 247 -19.70 -21.65 -24.09
N MET B 248 -20.41 -20.58 -23.72
CA MET B 248 -21.43 -20.66 -22.65
C MET B 248 -22.81 -21.02 -23.16
N ARG B 249 -22.98 -20.97 -24.48
CA ARG B 249 -24.23 -21.38 -25.10
C ARG B 249 -24.65 -22.78 -24.68
N THR B 250 -23.68 -23.70 -24.61
CA THR B 250 -23.96 -25.08 -24.24
C THR B 250 -24.08 -25.30 -22.72
N THR B 251 -23.39 -24.47 -21.93
CA THR B 251 -23.33 -24.65 -20.48
C THR B 251 -24.30 -23.75 -19.72
N ALA B 252 -23.80 -22.59 -19.28
CA ALA B 252 -24.56 -21.68 -18.44
C ALA B 252 -25.82 -21.13 -19.12
N PHE B 253 -25.81 -21.09 -20.45
CA PHE B 253 -26.97 -20.57 -21.17
C PHE B 253 -28.06 -21.62 -21.38
N ALA B 254 -27.65 -22.89 -21.44
CA ALA B 254 -28.59 -24.02 -21.49
C ALA B 254 -29.65 -23.91 -20.42
N ASP B 255 -29.28 -23.34 -19.27
CA ASP B 255 -30.22 -23.05 -18.19
C ASP B 255 -31.45 -22.30 -18.74
N PRO B 256 -32.64 -22.89 -18.55
CA PRO B 256 -33.89 -22.27 -19.05
C PRO B 256 -34.36 -21.09 -18.19
N GLU B 257 -34.12 -21.15 -16.89
CA GLU B 257 -34.48 -20.05 -15.97
C GLU B 257 -33.42 -18.96 -15.92
N SER B 258 -32.30 -19.18 -16.63
CA SER B 258 -31.27 -18.16 -16.82
C SER B 258 -31.84 -16.96 -17.57
N HIS B 259 -31.39 -15.78 -17.15
CA HIS B 259 -31.74 -14.52 -17.81
C HIS B 259 -30.90 -14.34 -19.05
N PHE B 260 -30.14 -15.38 -19.41
CA PHE B 260 -29.37 -15.39 -20.64
C PHE B 260 -29.74 -16.54 -21.59
N HIS B 261 -30.73 -17.34 -21.21
CA HIS B 261 -31.12 -18.53 -22.01
C HIS B 261 -31.31 -18.19 -23.48
N HIS B 262 -32.06 -17.13 -23.75
CA HIS B 262 -32.26 -16.60 -25.10
C HIS B 262 -30.99 -16.36 -25.91
N TYR B 263 -29.83 -16.67 -25.34
CA TYR B 263 -28.57 -16.63 -26.11
C TYR B 263 -28.11 -18.02 -26.50
N ALA B 264 -28.59 -19.05 -25.79
CA ALA B 264 -28.23 -20.45 -26.04
C ALA B 264 -28.36 -20.82 -27.53
N ALA B 265 -29.53 -20.53 -28.09
CA ALA B 265 -29.86 -20.87 -29.49
C ALA B 265 -29.25 -19.92 -30.53
N PHE B 266 -28.31 -19.07 -30.13
CA PHE B 266 -27.68 -18.15 -31.10
C PHE B 266 -26.68 -18.89 -31.94
N SER B 267 -26.74 -18.67 -33.25
CA SER B 267 -25.72 -19.20 -34.13
C SER B 267 -24.42 -18.50 -33.79
N ASP B 268 -23.33 -18.95 -34.38
CA ASP B 268 -22.03 -18.38 -34.14
C ASP B 268 -22.01 -16.91 -34.51
N SER B 269 -22.24 -16.63 -35.79
CA SER B 269 -22.23 -15.30 -36.36
C SER B 269 -23.05 -14.28 -35.58
N GLN B 270 -24.23 -14.70 -35.12
CA GLN B 270 -25.12 -13.89 -34.31
C GLN B 270 -24.62 -13.69 -32.86
N ALA B 271 -24.03 -14.74 -32.27
CA ALA B 271 -23.53 -14.64 -30.90
C ALA B 271 -22.24 -13.80 -30.78
N VAL B 272 -21.44 -13.76 -31.83
CA VAL B 272 -20.31 -12.86 -31.90
C VAL B 272 -20.79 -11.42 -31.79
N VAL B 273 -21.88 -11.07 -32.47
CA VAL B 273 -22.39 -9.71 -32.49
C VAL B 273 -22.95 -9.29 -31.13
N ALA B 274 -23.75 -10.15 -30.50
CA ALA B 274 -24.22 -9.87 -29.15
C ALA B 274 -23.05 -9.70 -28.14
N ALA B 275 -22.04 -10.56 -28.24
CA ALA B 275 -20.86 -10.49 -27.36
C ALA B 275 -20.01 -9.24 -27.58
N ARG B 276 -19.73 -8.92 -28.84
CA ARG B 276 -18.91 -7.77 -29.16
C ARG B 276 -19.56 -6.47 -28.72
N GLU B 277 -20.88 -6.52 -28.53
CA GLU B 277 -21.67 -5.35 -28.19
C GLU B 277 -21.70 -5.16 -26.68
N ILE B 278 -21.99 -6.24 -25.94
CA ILE B 278 -21.88 -6.25 -24.47
C ILE B 278 -20.44 -5.95 -23.99
N TRP B 279 -19.45 -6.36 -24.78
CA TRP B 279 -18.07 -6.03 -24.46
C TRP B 279 -17.94 -4.51 -24.51
N ARG B 280 -18.51 -3.91 -25.56
CA ARG B 280 -18.30 -2.52 -25.89
C ARG B 280 -18.99 -1.57 -24.91
N THR B 281 -19.99 -2.06 -24.20
CA THR B 281 -20.84 -1.20 -23.40
C THR B 281 -20.69 -1.35 -21.88
N ILE B 282 -20.29 -2.55 -21.42
CA ILE B 282 -20.02 -2.75 -20.00
C ILE B 282 -18.55 -3.08 -19.67
N ASN B 283 -17.98 -4.11 -20.28
CA ASN B 283 -16.67 -4.61 -19.82
C ASN B 283 -15.43 -3.89 -20.37
N ARG B 284 -15.45 -3.47 -21.62
CA ARG B 284 -14.34 -2.67 -22.17
C ARG B 284 -14.21 -1.30 -21.49
N PRO B 285 -15.31 -0.54 -21.36
CA PRO B 285 -15.29 0.73 -20.60
C PRO B 285 -14.86 0.57 -19.15
N ASN B 286 -15.31 -0.49 -18.48
CA ASN B 286 -14.89 -0.74 -17.11
C ASN B 286 -13.40 -0.95 -17.04
N LEU B 287 -12.83 -1.56 -18.07
CA LEU B 287 -11.42 -1.87 -18.09
C LEU B 287 -10.61 -0.61 -18.24
N VAL B 288 -11.05 0.27 -19.13
CA VAL B 288 -10.37 1.52 -19.44
C VAL B 288 -10.39 2.50 -18.26
N GLU B 289 -11.52 2.54 -17.57
CA GLU B 289 -11.81 3.56 -16.59
C GLU B 289 -11.30 3.15 -15.22
N ASN B 290 -11.53 1.89 -14.87
CA ASN B 290 -11.40 1.44 -13.51
C ASN B 290 -10.34 0.39 -13.23
N ILE B 291 -9.97 -0.42 -14.23
CA ILE B 291 -9.07 -1.60 -14.00
C ILE B 291 -7.68 -1.26 -14.51
N LEU B 292 -7.59 -0.74 -15.73
CA LEU B 292 -6.29 -0.44 -16.31
C LEU B 292 -5.49 0.62 -15.55
N PRO B 293 -6.17 1.68 -15.05
CA PRO B 293 -5.37 2.60 -14.21
C PRO B 293 -4.75 1.97 -12.91
N THR B 294 -5.23 0.80 -12.48
CA THR B 294 -4.71 0.19 -11.27
C THR B 294 -3.48 -0.64 -11.54
N ARG B 295 -3.13 -0.72 -12.83
CA ARG B 295 -2.06 -1.59 -13.29
C ARG B 295 -0.69 -1.30 -12.62
N PRO B 296 -0.20 -0.03 -12.66
CA PRO B 296 1.14 0.22 -12.05
C PRO B 296 1.17 0.13 -10.52
N ARG B 297 0.02 -0.16 -9.88
CA ARG B 297 0.00 -0.40 -8.44
C ARG B 297 0.38 -1.84 -8.09
N ALA B 298 0.44 -2.74 -9.08
CA ALA B 298 0.73 -4.16 -8.72
C ALA B 298 2.22 -4.38 -8.50
N THR B 299 2.56 -5.29 -7.59
CA THR B 299 3.94 -5.70 -7.42
C THR B 299 4.48 -6.35 -8.70
N LEU B 300 3.61 -7.11 -9.34
CA LEU B 300 4.01 -7.80 -10.56
C LEU B 300 2.99 -7.63 -11.67
N VAL B 301 3.47 -7.24 -12.84
CA VAL B 301 2.63 -7.14 -14.01
C VAL B 301 3.10 -8.18 -15.03
N LEU B 302 2.18 -9.12 -15.35
CA LEU B 302 2.35 -10.13 -16.39
C LEU B 302 1.49 -9.77 -17.59
N ARG B 303 2.11 -9.77 -18.74
CA ARG B 303 1.45 -9.41 -19.96
C ARG B 303 1.47 -10.66 -20.88
N LYS B 304 0.26 -11.04 -21.32
CA LYS B 304 0.03 -12.22 -22.13
C LYS B 304 -0.13 -11.83 -23.60
N ASP B 305 0.44 -12.64 -24.49
CA ASP B 305 0.15 -12.64 -25.95
C ASP B 305 -1.26 -13.15 -26.25
N ALA B 306 -1.71 -13.00 -27.51
CA ALA B 306 -2.95 -13.62 -27.99
C ALA B 306 -3.07 -15.10 -27.71
N ASP B 307 -1.93 -15.80 -27.68
CA ASP B 307 -1.90 -17.26 -27.42
C ASP B 307 -2.02 -17.61 -25.94
N HIS B 308 -2.32 -16.61 -25.11
CA HIS B 308 -2.31 -16.77 -23.67
C HIS B 308 -0.93 -17.06 -23.05
N SER B 309 0.14 -16.69 -23.72
CA SER B 309 1.46 -16.93 -23.15
C SER B 309 2.18 -15.63 -22.84
N ILE B 310 2.89 -15.65 -21.72
CA ILE B 310 3.51 -14.47 -21.17
C ILE B 310 4.64 -13.97 -22.06
N ASN B 311 4.53 -12.69 -22.43
CA ASN B 311 5.57 -12.03 -23.21
C ASN B 311 6.29 -10.89 -22.45
N ARG B 312 5.83 -10.56 -21.25
CA ARG B 312 6.41 -9.47 -20.45
C ARG B 312 6.09 -9.59 -18.95
N LEU B 313 7.15 -9.52 -18.12
CA LEU B 313 7.02 -9.51 -16.67
C LEU B 313 7.64 -8.25 -16.10
N ARG B 314 6.92 -7.61 -15.18
CA ARG B 314 7.47 -6.41 -14.53
C ARG B 314 7.36 -6.57 -13.03
N LEU B 315 8.51 -6.58 -12.37
CA LEU B 315 8.54 -6.81 -10.94
C LEU B 315 9.06 -5.55 -10.26
N ARG B 316 8.30 -5.09 -9.27
CA ARG B 316 8.76 -4.02 -8.37
C ARG B 316 10.16 -4.28 -7.84
N LYS B 317 11.04 -3.29 -7.97
CA LYS B 317 12.36 -3.39 -7.36
C LYS B 317 12.33 -3.56 -5.84
N LEU B 318 13.21 -4.40 -5.31
CA LEU B 318 13.32 -4.57 -3.84
C LEU B 318 14.45 -3.75 -3.15
#